data_8YS7
#
_entry.id   8YS7
#
_cell.length_a   132.661
_cell.length_b   132.661
_cell.length_c   50.052
_cell.angle_alpha   90.00
_cell.angle_beta   90.00
_cell.angle_gamma   120.00
#
_symmetry.space_group_name_H-M   'H 3 2'
#
loop_
_entity.id
_entity.type
_entity.pdbx_description
1 polymer "DNA (5'-D(P*AP*GP*CP*CP*CP*CP*GP*T)-3')"
2 polymer "DNA (5'-D(P*AP*CP*GP*GP*GP*CP*T)-3')"
3 polymer Echinomycin
4 polymer 'actinomycin D'
5 non-polymer 2-CARBOXYQUINOXALINE
6 water water
#
loop_
_entity_poly.entity_id
_entity_poly.type
_entity_poly.pdbx_seq_one_letter_code
_entity_poly.pdbx_strand_id
1 'polydeoxyribonucleotide' (DA)(DG)(DC)(DC)(DC)(DC)(DG)(DT) B,K
2 'polydeoxyribonucleotide' (DA)(DC)(DG)(DG)(DG)(DC)(DT) C,L
3 'polypeptide(L)' (DSN)A(N2C)(MVA)(DSN)A(NCY)(MVA) E,A
4 'polypeptide(L)' T(DVA)P(SAR)(MVA)(PXZ)T(DVA)P(SAR)(MVA) I,D
#
# COMPACT_ATOMS: atom_id res chain seq x y z
N ALA E 2 4.52 -5.71 -28.59
CA ALA E 2 5.43 -5.90 -27.48
C ALA E 2 4.66 -6.46 -26.29
N ALA E 6 -0.51 -6.09 -21.35
CA ALA E 6 -1.03 -6.94 -22.42
C ALA E 6 0.07 -7.29 -23.41
N THR F 1 -2.13 -0.34 8.70
CA THR F 1 -1.07 0.57 9.13
C THR F 1 -0.72 1.55 7.98
N PRO F 3 -0.08 4.99 5.74
CA PRO F 3 -0.12 4.11 4.55
C PRO F 3 1.26 3.91 3.95
N THR F 7 -4.65 4.41 7.40
CA THR F 7 -3.50 5.14 7.92
C THR F 7 -3.08 4.54 9.24
N PRO F 9 -1.21 2.52 12.32
CA PRO F 9 -2.33 2.71 13.24
C PRO F 9 -1.87 3.55 14.43
N THR G 1 4.27 -5.10 -7.72
CA THR G 1 5.53 -5.88 -7.41
C THR G 1 6.82 -5.13 -7.90
N PRO G 3 9.27 -2.38 -8.82
CA PRO G 3 8.97 -2.95 -10.15
C PRO G 3 10.09 -3.83 -10.73
N THR G 7 5.07 -0.18 -6.92
CA THR G 7 6.26 -0.61 -6.16
C THR G 7 5.93 -1.68 -5.13
N PRO G 9 5.38 -4.92 -3.05
CA PRO G 9 4.40 -4.00 -2.40
C PRO G 9 4.61 -3.62 -0.92
N ALA H 2 -9.53 7.77 24.57
CA ALA H 2 -8.60 7.91 23.45
C ALA H 2 -9.35 8.10 22.19
N ALA H 6 -12.98 5.00 16.93
CA ALA H 6 -13.92 5.84 17.73
C ALA H 6 -13.24 6.83 18.61
#